data_6ZCY
#
_entry.id   6ZCY
#
_cell.length_a   39.868
_cell.length_b   85.274
_cell.length_c   89.952
_cell.angle_alpha   90.000
_cell.angle_beta   90.000
_cell.angle_gamma   90.000
#
_symmetry.space_group_name_H-M   'P 21 21 21'
#
loop_
_entity.id
_entity.type
_entity.pdbx_description
1 polymer 'Tyrosine-protein kinase SYK'
2 non-polymer ~{N},1-dimethyl-5-[[4-[3-methyl-4-[[(3~{R})-pyrrolidin-3-yl]amino]pyrazol-1-yl]pyrimidin-2-yl]amino]indazole-3-carboxamide
3 water water
#
_entity_poly.entity_id   1
_entity_poly.type   'polypeptide(L)'
_entity_poly.pdbx_seq_one_letter_code
;MDTEVYESPYADPEEIRPKEVYLDRKLLTLEDKELGSGNFGTVKKGYYQMKKVVKTVAVKILKNEANDPALKDELLAEAN
VMQQLDNPYIVRMIGICEAESWMLVMEMAELGPLNKYLQQNRHVKDKNIIELVHQVSMGMKYLEESNFVHRDLAARNVLL
VTQHYAKISDFGLSKALRADENYYKAQTHGKWPVKWYAPECINYYKFSSKSDVWSFGVLMWEAFSYGQKPYRGMKGSEVT
AMLEKGERMGCPAGCPREMYDLMNLCWTYDVENRPGFAAVELRLRNYYYDVVNHHHHHH
;
_entity_poly.pdbx_strand_id   A
#
loop_
_chem_comp.id
_chem_comp.type
_chem_comp.name
_chem_comp.formula
QF8 non-polymer ~{N},1-dimethyl-5-[[4-[3-methyl-4-[[(3~{R})-pyrrolidin-3-yl]amino]pyrazol-1-yl]pyrimidin-2-yl]amino]indazole-3-carboxamide 'C22 H26 N10 O'
#
# COMPACT_ATOMS: atom_id res chain seq x y z
N VAL A 21 -22.60 7.94 -3.35
CA VAL A 21 -21.81 6.73 -3.68
C VAL A 21 -21.92 6.43 -5.19
N TYR A 22 -23.17 6.38 -5.73
CA TYR A 22 -23.42 6.12 -7.14
C TYR A 22 -23.32 7.36 -8.00
N LEU A 23 -22.33 7.36 -8.88
CA LEU A 23 -22.04 8.46 -9.78
C LEU A 23 -22.87 8.45 -11.04
N ASP A 24 -23.02 9.64 -11.63
CA ASP A 24 -23.75 9.92 -12.85
C ASP A 24 -22.73 9.74 -14.01
N ARG A 25 -22.91 8.67 -14.83
CA ARG A 25 -22.05 8.34 -15.98
C ARG A 25 -21.94 9.47 -17.02
N LYS A 26 -23.02 10.28 -17.17
CA LYS A 26 -23.05 11.43 -18.09
C LYS A 26 -21.97 12.48 -17.70
N LEU A 27 -21.59 12.50 -16.39
CA LEU A 27 -20.61 13.43 -15.85
C LEU A 27 -19.20 12.84 -15.84
N LEU A 28 -19.04 11.59 -16.28
CA LEU A 28 -17.73 10.93 -16.35
C LEU A 28 -17.22 10.83 -17.80
N THR A 29 -15.99 11.26 -18.01
CA THR A 29 -15.32 11.18 -19.30
C THR A 29 -14.07 10.32 -19.10
N LEU A 30 -13.96 9.18 -19.79
CA LEU A 30 -12.78 8.30 -19.70
C LEU A 30 -11.85 8.52 -20.90
N GLU A 31 -10.53 8.39 -20.67
CA GLU A 31 -9.51 8.49 -21.72
C GLU A 31 -9.44 7.13 -22.42
N ASP A 32 -9.15 7.11 -23.74
CA ASP A 32 -9.07 5.88 -24.53
C ASP A 32 -7.92 4.95 -24.08
N LYS A 33 -6.72 5.52 -23.91
CA LYS A 33 -5.53 4.78 -23.50
C LYS A 33 -5.62 4.37 -22.04
N GLU A 34 -5.06 3.22 -21.68
CA GLU A 34 -5.07 2.77 -20.31
C GLU A 34 -3.72 3.01 -19.63
N LEU A 35 -3.76 3.31 -18.33
CA LEU A 35 -2.59 3.54 -17.49
C LEU A 35 -1.92 2.21 -17.10
N GLY A 36 -2.75 1.20 -16.85
CA GLY A 36 -2.36 -0.14 -16.46
C GLY A 36 -3.45 -1.14 -16.75
N SER A 37 -3.07 -2.43 -16.95
CA SER A 37 -4.00 -3.52 -17.24
C SER A 37 -3.62 -4.80 -16.48
N PHE A 40 -8.57 -9.10 -13.00
CA PHE A 40 -8.93 -7.81 -12.42
C PHE A 40 -9.57 -6.90 -13.50
N GLY A 41 -8.75 -6.09 -14.15
CA GLY A 41 -9.21 -5.21 -15.21
C GLY A 41 -8.17 -4.22 -15.67
N THR A 42 -8.55 -2.93 -15.68
CA THR A 42 -7.70 -1.85 -16.15
C THR A 42 -7.82 -0.59 -15.30
N VAL A 43 -6.83 0.28 -15.39
CA VAL A 43 -6.84 1.57 -14.69
C VAL A 43 -6.78 2.62 -15.78
N LYS A 44 -7.76 3.52 -15.83
CA LYS A 44 -7.82 4.58 -16.86
C LYS A 44 -7.93 5.94 -16.20
N LYS A 45 -7.46 6.97 -16.89
CA LYS A 45 -7.57 8.36 -16.46
C LYS A 45 -8.91 8.86 -16.99
N GLY A 46 -9.54 9.73 -16.22
CA GLY A 46 -10.80 10.33 -16.59
C GLY A 46 -11.02 11.66 -15.92
N TYR A 47 -12.21 12.21 -16.12
CA TYR A 47 -12.64 13.50 -15.60
C TYR A 47 -14.08 13.36 -15.10
N TYR A 48 -14.33 13.91 -13.90
CA TYR A 48 -15.66 13.92 -13.33
C TYR A 48 -16.12 15.35 -13.14
N GLN A 49 -17.18 15.73 -13.88
CA GLN A 49 -17.77 17.07 -13.86
C GLN A 49 -18.48 17.26 -12.52
N MET A 50 -17.86 18.05 -11.61
CA MET A 50 -18.44 18.22 -10.29
C MET A 50 -19.27 19.52 -10.20
N LYS A 51 -19.77 19.84 -8.98
CA LYS A 51 -20.63 21.00 -8.67
C LYS A 51 -20.21 22.30 -9.38
N LYS A 52 -18.88 22.49 -9.57
CA LYS A 52 -18.33 23.66 -10.25
C LYS A 52 -17.00 23.31 -10.98
N VAL A 53 -16.05 22.71 -10.26
CA VAL A 53 -14.74 22.34 -10.82
C VAL A 53 -14.81 20.97 -11.48
N VAL A 54 -13.90 20.68 -12.44
CA VAL A 54 -13.80 19.36 -13.06
C VAL A 54 -12.66 18.61 -12.33
N LYS A 55 -12.93 17.37 -11.89
CA LYS A 55 -11.97 16.60 -11.13
C LYS A 55 -11.32 15.50 -11.98
N THR A 56 -9.98 15.48 -12.05
CA THR A 56 -9.21 14.43 -12.73
C THR A 56 -9.27 13.20 -11.85
N VAL A 57 -9.66 12.07 -12.44
CA VAL A 57 -9.86 10.84 -11.67
C VAL A 57 -9.09 9.67 -12.28
N ALA A 58 -8.78 8.66 -11.46
CA ALA A 58 -8.20 7.40 -11.89
C ALA A 58 -9.32 6.40 -11.67
N VAL A 59 -9.64 5.59 -12.68
CA VAL A 59 -10.80 4.70 -12.62
C VAL A 59 -10.40 3.23 -12.78
N LYS A 60 -10.80 2.40 -11.81
CA LYS A 60 -10.56 0.97 -11.84
C LYS A 60 -11.77 0.38 -12.55
N ILE A 61 -11.52 -0.23 -13.71
CA ILE A 61 -12.56 -0.81 -14.57
C ILE A 61 -12.45 -2.34 -14.56
N LEU A 62 -13.54 -3.00 -14.16
CA LEU A 62 -13.59 -4.46 -14.10
C LEU A 62 -13.64 -5.13 -15.49
N LYS A 63 -14.52 -4.66 -16.39
CA LYS A 63 -14.76 -5.17 -17.74
C LYS A 63 -14.76 -6.71 -17.86
N LEU A 71 -16.01 -10.96 -9.32
CA LEU A 71 -15.26 -9.71 -9.39
C LEU A 71 -16.08 -8.47 -9.01
N LYS A 72 -17.40 -8.45 -9.33
CA LYS A 72 -18.30 -7.33 -9.02
C LYS A 72 -18.46 -7.13 -7.50
N ASP A 73 -18.70 -8.24 -6.77
CA ASP A 73 -18.80 -8.23 -5.30
C ASP A 73 -17.53 -7.71 -4.65
N GLU A 74 -16.37 -8.12 -5.20
CA GLU A 74 -15.05 -7.72 -4.75
C GLU A 74 -14.85 -6.21 -4.99
N LEU A 75 -15.27 -5.70 -6.17
CA LEU A 75 -15.14 -4.26 -6.42
C LEU A 75 -16.04 -3.44 -5.46
N LEU A 76 -17.27 -3.92 -5.19
CA LEU A 76 -18.20 -3.24 -4.29
C LEU A 76 -17.67 -3.25 -2.86
N ALA A 77 -17.07 -4.40 -2.43
CA ALA A 77 -16.47 -4.52 -1.08
C ALA A 77 -15.26 -3.54 -0.98
N GLU A 78 -14.42 -3.48 -2.05
CA GLU A 78 -13.28 -2.56 -2.17
C GLU A 78 -13.78 -1.09 -2.03
N ALA A 79 -14.86 -0.74 -2.73
CA ALA A 79 -15.46 0.60 -2.67
C ALA A 79 -15.98 0.89 -1.26
N ASN A 80 -16.64 -0.08 -0.64
CA ASN A 80 -17.20 0.04 0.72
C ASN A 80 -16.08 0.37 1.74
N VAL A 81 -14.91 -0.29 1.66
CA VAL A 81 -13.76 -0.02 2.54
C VAL A 81 -13.32 1.44 2.35
N MET A 82 -13.04 1.84 1.08
CA MET A 82 -12.55 3.18 0.73
C MET A 82 -13.49 4.29 1.17
N GLN A 83 -14.82 4.05 1.08
CA GLN A 83 -15.86 5.01 1.50
C GLN A 83 -15.76 5.32 3.00
N GLN A 84 -15.25 4.38 3.80
CA GLN A 84 -15.12 4.51 5.26
C GLN A 84 -13.84 5.20 5.69
N LEU A 85 -12.85 5.34 4.77
CA LEU A 85 -11.54 5.91 5.06
C LEU A 85 -11.39 7.38 4.70
N ASP A 86 -10.79 8.14 5.62
CA ASP A 86 -10.61 9.59 5.52
C ASP A 86 -9.26 9.96 6.14
N ASN A 87 -8.23 10.05 5.29
CA ASN A 87 -6.86 10.32 5.72
C ASN A 87 -6.07 10.88 4.54
N PRO A 88 -5.17 11.85 4.78
CA PRO A 88 -4.40 12.42 3.66
C PRO A 88 -3.51 11.42 2.92
N TYR A 89 -3.13 10.29 3.57
CA TYR A 89 -2.18 9.34 2.98
C TYR A 89 -2.85 8.07 2.46
N ILE A 90 -4.17 8.17 2.19
CA ILE A 90 -4.96 7.10 1.61
C ILE A 90 -5.68 7.68 0.37
N VAL A 91 -5.73 6.91 -0.73
CA VAL A 91 -6.45 7.35 -1.95
C VAL A 91 -7.95 7.49 -1.60
N ARG A 92 -8.53 8.64 -1.96
CA ARG A 92 -9.94 8.94 -1.75
C ARG A 92 -10.80 8.41 -2.90
N MET A 93 -11.87 7.72 -2.56
CA MET A 93 -12.78 7.24 -3.59
C MET A 93 -13.83 8.34 -3.81
N ILE A 94 -14.10 8.68 -5.06
CA ILE A 94 -15.16 9.62 -5.45
C ILE A 94 -16.49 8.87 -5.43
N GLY A 95 -16.51 7.69 -6.05
CA GLY A 95 -17.68 6.84 -6.03
C GLY A 95 -17.56 5.69 -6.98
N ILE A 96 -18.70 5.02 -7.19
CA ILE A 96 -18.85 3.91 -8.11
C ILE A 96 -19.88 4.22 -9.17
N CYS A 97 -19.70 3.63 -10.34
CA CYS A 97 -20.62 3.83 -11.47
C CYS A 97 -20.80 2.49 -12.19
N GLU A 98 -22.05 2.10 -12.45
CA GLU A 98 -22.30 0.87 -13.17
C GLU A 98 -22.66 1.23 -14.60
N ALA A 99 -21.75 0.94 -15.52
CA ALA A 99 -21.99 1.22 -16.94
C ALA A 99 -21.70 -0.01 -17.79
N GLU A 100 -21.00 0.15 -18.92
CA GLU A 100 -20.62 -0.95 -19.83
C GLU A 100 -19.80 -1.99 -19.07
N SER A 101 -19.23 -1.59 -17.92
CA SER A 101 -18.49 -2.39 -16.95
C SER A 101 -18.67 -1.70 -15.56
N TRP A 102 -18.34 -2.40 -14.48
CA TRP A 102 -18.36 -1.82 -13.12
C TRP A 102 -17.12 -0.93 -12.97
N MET A 103 -17.30 0.29 -12.40
CA MET A 103 -16.19 1.24 -12.27
C MET A 103 -16.00 1.80 -10.86
N LEU A 104 -14.74 1.84 -10.40
CA LEU A 104 -14.35 2.42 -9.12
C LEU A 104 -13.63 3.73 -9.45
N VAL A 105 -14.25 4.88 -9.15
CA VAL A 105 -13.72 6.22 -9.51
C VAL A 105 -13.02 6.83 -8.31
N MET A 106 -11.74 7.15 -8.47
CA MET A 106 -10.88 7.66 -7.39
C MET A 106 -10.22 8.98 -7.75
N GLU A 107 -9.77 9.76 -6.74
CA GLU A 107 -9.03 11.00 -6.97
C GLU A 107 -7.69 10.60 -7.61
N MET A 108 -7.26 11.32 -8.65
CA MET A 108 -6.04 10.98 -9.38
C MET A 108 -4.75 11.34 -8.62
N ALA A 109 -3.83 10.35 -8.51
CA ALA A 109 -2.49 10.56 -7.97
C ALA A 109 -1.63 10.47 -9.24
N GLU A 110 -1.35 11.62 -9.83
CA GLU A 110 -0.74 11.79 -11.17
C GLU A 110 0.56 11.03 -11.45
N LEU A 111 1.47 10.90 -10.46
CA LEU A 111 2.81 10.31 -10.70
C LEU A 111 2.84 8.78 -10.70
N GLY A 112 1.73 8.14 -10.35
CA GLY A 112 1.64 6.69 -10.39
C GLY A 112 2.34 5.89 -9.31
N PRO A 113 2.44 4.55 -9.54
CA PRO A 113 3.02 3.63 -8.53
C PRO A 113 4.43 3.99 -8.10
N LEU A 114 4.67 3.91 -6.77
CA LEU A 114 5.93 4.25 -6.15
C LEU A 114 7.11 3.43 -6.70
N ASN A 115 6.91 2.12 -6.93
CA ASN A 115 8.01 1.25 -7.41
C ASN A 115 8.45 1.67 -8.80
N LYS A 116 7.49 1.91 -9.72
CA LYS A 116 7.78 2.37 -11.09
C LYS A 116 8.45 3.75 -11.07
N TYR A 117 7.98 4.65 -10.18
CA TYR A 117 8.54 5.98 -10.09
C TYR A 117 10.02 5.92 -9.72
N LEU A 118 10.33 5.15 -8.66
CA LEU A 118 11.71 5.02 -8.19
C LEU A 118 12.63 4.33 -9.19
N GLN A 119 12.12 3.29 -9.94
CA GLN A 119 12.90 2.63 -11.00
C GLN A 119 13.31 3.65 -12.09
N GLN A 120 12.39 4.58 -12.42
CA GLN A 120 12.53 5.64 -13.44
C GLN A 120 13.24 6.91 -12.98
N ASN A 121 13.43 7.09 -11.66
CA ASN A 121 14.02 8.28 -11.05
C ASN A 121 15.00 7.85 -9.97
N ARG A 122 16.12 7.27 -10.41
CA ARG A 122 17.13 6.67 -9.54
C ARG A 122 17.95 7.68 -8.72
N HIS A 123 17.80 8.98 -9.00
CA HIS A 123 18.50 10.05 -8.28
C HIS A 123 17.66 10.67 -7.13
N VAL A 124 16.45 10.11 -6.82
CA VAL A 124 15.61 10.56 -5.70
C VAL A 124 16.48 10.40 -4.46
N LYS A 125 16.62 11.45 -3.65
CA LYS A 125 17.51 11.45 -2.49
C LYS A 125 17.00 10.58 -1.38
N ASP A 126 17.93 10.08 -0.56
CA ASP A 126 17.58 9.25 0.60
C ASP A 126 16.52 9.93 1.54
N LYS A 127 16.70 11.22 1.85
CA LYS A 127 15.76 12.00 2.68
C LYS A 127 14.35 11.96 2.09
N ASN A 128 14.26 12.04 0.76
CA ASN A 128 12.96 11.99 0.05
C ASN A 128 12.31 10.60 0.23
N ILE A 129 13.13 9.53 0.17
CA ILE A 129 12.61 8.18 0.34
C ILE A 129 12.04 8.03 1.77
N ILE A 130 12.77 8.55 2.79
CA ILE A 130 12.31 8.51 4.18
C ILE A 130 10.96 9.25 4.29
N GLU A 131 10.89 10.49 3.75
CA GLU A 131 9.68 11.31 3.75
C GLU A 131 8.46 10.49 3.23
N LEU A 132 8.63 9.84 2.07
CA LEU A 132 7.57 9.04 1.46
C LEU A 132 7.16 7.80 2.28
N VAL A 133 8.14 7.00 2.75
CA VAL A 133 7.81 5.81 3.56
C VAL A 133 7.18 6.24 4.92
N HIS A 134 7.59 7.43 5.43
CA HIS A 134 6.98 7.95 6.66
C HIS A 134 5.48 8.26 6.40
N GLN A 135 5.15 8.88 5.26
CA GLN A 135 3.75 9.13 4.86
C GLN A 135 2.93 7.84 4.79
N VAL A 136 3.51 6.78 4.21
CA VAL A 136 2.84 5.48 4.19
C VAL A 136 2.59 5.02 5.63
N SER A 137 3.61 5.11 6.51
CA SER A 137 3.43 4.73 7.93
C SER A 137 2.31 5.53 8.64
N MET A 138 2.10 6.82 8.28
CA MET A 138 1.01 7.65 8.84
C MET A 138 -0.36 7.14 8.36
N GLY A 139 -0.46 6.84 7.08
CA GLY A 139 -1.68 6.24 6.54
C GLY A 139 -1.98 4.91 7.23
N MET A 140 -0.94 4.07 7.43
CA MET A 140 -1.12 2.75 8.06
C MET A 140 -1.44 2.83 9.56
N LYS A 141 -0.91 3.85 10.25
CA LYS A 141 -1.21 4.11 11.65
C LYS A 141 -2.73 4.38 11.76
N TYR A 142 -3.28 5.17 10.81
CA TYR A 142 -4.70 5.49 10.70
C TYR A 142 -5.52 4.23 10.42
N LEU A 143 -5.09 3.41 9.44
CA LEU A 143 -5.79 2.17 9.12
C LEU A 143 -5.90 1.24 10.34
N GLU A 144 -4.77 1.08 11.10
CA GLU A 144 -4.67 0.29 12.32
C GLU A 144 -5.62 0.81 13.42
N GLU A 145 -5.67 2.16 13.60
CA GLU A 145 -6.58 2.82 14.54
C GLU A 145 -8.04 2.53 14.14
N SER A 146 -8.31 2.48 12.83
CA SER A 146 -9.65 2.24 12.25
C SER A 146 -10.00 0.75 12.20
N ASN A 147 -9.04 -0.11 12.59
CA ASN A 147 -9.18 -1.58 12.64
C ASN A 147 -9.52 -2.18 11.27
N PHE A 148 -8.77 -1.75 10.25
CA PHE A 148 -8.84 -2.31 8.91
C PHE A 148 -7.48 -2.91 8.65
N VAL A 149 -7.47 -4.07 8.02
CA VAL A 149 -6.21 -4.70 7.64
C VAL A 149 -6.12 -4.50 6.11
N HIS A 150 -4.99 -4.02 5.60
CA HIS A 150 -4.84 -3.75 4.15
C HIS A 150 -4.70 -5.07 3.36
N ARG A 151 -3.79 -5.96 3.81
CA ARG A 151 -3.51 -7.29 3.22
C ARG A 151 -2.83 -7.29 1.85
N ASP A 152 -2.40 -6.13 1.31
CA ASP A 152 -1.65 -6.12 0.05
C ASP A 152 -0.73 -4.88 0.04
N LEU A 153 -0.08 -4.61 1.17
CA LEU A 153 0.73 -3.41 1.30
C LEU A 153 2.08 -3.62 0.65
N ALA A 154 2.28 -3.02 -0.51
CA ALA A 154 3.49 -3.22 -1.30
C ALA A 154 3.76 -1.91 -2.04
N ALA A 155 4.99 -1.70 -2.50
CA ALA A 155 5.32 -0.44 -3.21
C ALA A 155 4.52 -0.20 -4.53
N ARG A 156 4.05 -1.29 -5.18
CA ARG A 156 3.23 -1.20 -6.41
C ARG A 156 1.83 -0.62 -6.07
N ASN A 157 1.46 -0.66 -4.78
CA ASN A 157 0.17 -0.21 -4.22
C ASN A 157 0.26 1.11 -3.48
N VAL A 158 1.37 1.83 -3.68
CA VAL A 158 1.56 3.19 -3.13
C VAL A 158 1.61 4.08 -4.34
N LEU A 159 0.81 5.16 -4.36
CA LEU A 159 0.74 6.05 -5.54
C LEU A 159 1.27 7.43 -5.14
N LEU A 160 1.90 8.10 -6.09
CA LEU A 160 2.45 9.41 -5.79
C LEU A 160 1.59 10.53 -6.36
N VAL A 161 1.22 11.45 -5.48
CA VAL A 161 0.47 12.67 -5.84
C VAL A 161 1.54 13.63 -6.42
N THR A 162 2.69 13.72 -5.73
CA THR A 162 3.89 14.49 -6.12
C THR A 162 5.11 13.62 -5.70
N GLN A 163 6.32 14.09 -5.99
CA GLN A 163 7.56 13.42 -5.57
C GLN A 163 7.70 13.42 -4.02
N HIS A 164 6.90 14.25 -3.31
CA HIS A 164 6.92 14.43 -1.84
C HIS A 164 5.55 14.11 -1.17
N TYR A 165 4.68 13.38 -1.88
CA TYR A 165 3.37 13.08 -1.36
C TYR A 165 2.86 11.72 -1.85
N ALA A 166 2.90 10.71 -0.95
CA ALA A 166 2.46 9.34 -1.18
C ALA A 166 1.10 9.04 -0.51
N LYS A 167 0.32 8.18 -1.18
CA LYS A 167 -0.97 7.67 -0.72
C LYS A 167 -1.02 6.17 -0.96
N ILE A 168 -1.70 5.48 -0.07
CA ILE A 168 -1.92 4.04 -0.18
C ILE A 168 -3.19 3.80 -1.01
N SER A 169 -3.13 2.81 -1.90
N SER A 169 -3.15 2.84 -1.96
CA SER A 169 -4.21 2.41 -2.78
CA SER A 169 -4.34 2.44 -2.71
C SER A 169 -4.42 0.90 -2.66
C SER A 169 -4.45 0.92 -2.66
N ASP A 170 -5.27 0.35 -3.57
CA ASP A 170 -5.52 -1.11 -3.74
C ASP A 170 -6.08 -1.77 -2.49
N PHE A 171 -7.33 -1.44 -2.18
CA PHE A 171 -8.06 -1.97 -1.01
C PHE A 171 -8.88 -3.25 -1.35
N GLY A 172 -8.58 -3.88 -2.49
CA GLY A 172 -9.26 -5.10 -2.94
C GLY A 172 -9.18 -6.30 -2.00
N LEU A 173 -8.11 -6.43 -1.21
CA LEU A 173 -7.98 -7.54 -0.24
C LEU A 173 -8.26 -7.08 1.22
N SER A 174 -8.61 -5.79 1.40
CA SER A 174 -8.82 -5.19 2.71
C SER A 174 -10.04 -5.70 3.44
N LYS A 175 -9.94 -5.74 4.77
CA LYS A 175 -11.01 -6.26 5.62
C LYS A 175 -11.22 -5.38 6.82
N ALA A 176 -12.50 -5.16 7.20
CA ALA A 176 -12.83 -4.44 8.43
C ALA A 176 -12.83 -5.53 9.49
N LEU A 177 -11.97 -5.38 10.52
CA LEU A 177 -11.86 -6.39 11.55
C LEU A 177 -13.15 -6.47 12.35
N ARG A 178 -13.52 -7.67 12.79
CA ARG A 178 -14.68 -7.90 13.63
C ARG A 178 -14.44 -7.18 14.96
N ALA A 179 -15.51 -6.70 15.61
CA ALA A 179 -15.38 -5.99 16.89
C ALA A 179 -14.69 -6.82 17.99
N ASP A 180 -14.75 -8.15 17.90
CA ASP A 180 -14.20 -9.03 18.93
C ASP A 180 -12.88 -9.70 18.56
N GLU A 181 -12.29 -9.36 17.42
CA GLU A 181 -11.05 -10.02 16.97
C GLU A 181 -10.01 -9.06 16.43
N ASN A 182 -8.72 -9.38 16.66
CA ASN A 182 -7.58 -8.58 16.23
C ASN A 182 -7.10 -8.99 14.85
N TYR A 183 -7.68 -10.04 14.29
CA TYR A 183 -7.25 -10.56 13.00
C TYR A 183 -8.41 -11.01 12.13
N TYR A 184 -8.12 -11.15 10.84
CA TYR A 184 -9.00 -11.69 9.81
C TYR A 184 -8.41 -13.06 9.46
N LYS A 185 -9.27 -14.09 9.50
CA LYS A 185 -8.84 -15.44 9.19
C LYS A 185 -9.31 -15.79 7.77
N ALA A 186 -8.36 -16.02 6.85
CA ALA A 186 -8.72 -16.34 5.48
C ALA A 186 -9.22 -17.78 5.43
N GLN A 187 -10.39 -17.98 4.81
CA GLN A 187 -10.95 -19.33 4.64
C GLN A 187 -10.43 -19.73 3.25
N THR A 188 -9.39 -20.61 3.25
CA THR A 188 -8.65 -21.10 2.08
C THR A 188 -7.51 -20.13 1.70
N HIS A 189 -6.37 -20.69 1.23
CA HIS A 189 -5.16 -19.96 0.85
C HIS A 189 -5.39 -18.95 -0.27
N LYS A 191 -5.26 -15.51 -5.10
CA LYS A 191 -3.87 -15.18 -5.34
C LYS A 191 -3.27 -14.36 -4.19
N TRP A 192 -2.09 -14.80 -3.67
CA TRP A 192 -1.41 -14.13 -2.56
C TRP A 192 0.02 -13.65 -2.89
N PRO A 193 0.35 -12.36 -2.58
CA PRO A 193 1.74 -11.88 -2.78
C PRO A 193 2.60 -12.34 -1.60
N VAL A 194 2.94 -13.64 -1.59
CA VAL A 194 3.66 -14.36 -0.52
C VAL A 194 4.98 -13.64 -0.03
N LYS A 195 5.73 -13.01 -0.95
CA LYS A 195 6.97 -12.30 -0.55
C LYS A 195 6.68 -11.11 0.37
N TRP A 196 5.42 -10.63 0.43
CA TRP A 196 5.07 -9.52 1.32
C TRP A 196 4.39 -9.99 2.60
N TYR A 197 4.09 -11.29 2.71
CA TYR A 197 3.33 -11.83 3.81
C TYR A 197 4.14 -12.31 5.01
N ALA A 198 3.62 -11.98 6.20
CA ALA A 198 4.21 -12.38 7.48
C ALA A 198 4.07 -13.89 7.67
N PRO A 199 4.95 -14.53 8.48
CA PRO A 199 4.86 -16.00 8.70
C PRO A 199 3.51 -16.51 9.20
N GLU A 200 2.81 -15.75 10.08
CA GLU A 200 1.48 -16.18 10.58
C GLU A 200 0.40 -16.17 9.47
N CYS A 201 0.56 -15.33 8.43
CA CYS A 201 -0.36 -15.31 7.27
C CYS A 201 -0.19 -16.61 6.54
N ILE A 202 1.06 -17.03 6.35
CA ILE A 202 1.39 -18.26 5.63
C ILE A 202 1.01 -19.50 6.45
N ASN A 203 1.40 -19.52 7.74
CA ASN A 203 1.21 -20.67 8.64
C ASN A 203 -0.17 -20.82 9.26
N TYR A 204 -0.87 -19.72 9.55
CA TYR A 204 -2.19 -19.76 10.22
C TYR A 204 -3.31 -19.01 9.45
N TYR A 205 -2.98 -18.41 8.28
CA TYR A 205 -3.96 -17.63 7.45
C TYR A 205 -4.59 -16.48 8.27
N LYS A 206 -3.80 -15.94 9.20
CA LYS A 206 -4.23 -14.87 10.11
C LYS A 206 -3.61 -13.57 9.68
N PHE A 207 -4.47 -12.59 9.41
CA PHE A 207 -4.08 -11.27 8.92
C PHE A 207 -4.48 -10.22 9.92
N SER A 208 -3.51 -9.43 10.37
CA SER A 208 -3.73 -8.36 11.37
C SER A 208 -2.95 -7.13 10.94
N SER A 209 -3.06 -6.03 11.73
CA SER A 209 -2.28 -4.80 11.48
C SER A 209 -0.77 -5.14 11.62
N LYS A 210 -0.40 -6.05 12.54
CA LYS A 210 0.98 -6.54 12.71
C LYS A 210 1.43 -7.27 11.45
N SER A 211 0.54 -8.05 10.78
CA SER A 211 0.97 -8.64 9.51
C SER A 211 1.16 -7.55 8.42
N ASP A 212 0.35 -6.47 8.45
CA ASP A 212 0.58 -5.33 7.53
C ASP A 212 1.94 -4.66 7.86
N VAL A 213 2.35 -4.65 9.18
CA VAL A 213 3.68 -4.10 9.58
C VAL A 213 4.78 -4.89 8.87
N TRP A 214 4.68 -6.24 8.85
CA TRP A 214 5.64 -7.06 8.14
C TRP A 214 5.73 -6.59 6.68
N SER A 215 4.57 -6.52 5.99
CA SER A 215 4.49 -6.07 4.58
C SER A 215 5.14 -4.69 4.42
N PHE A 216 4.90 -3.78 5.39
CA PHE A 216 5.46 -2.42 5.38
C PHE A 216 7.02 -2.49 5.41
N GLY A 217 7.59 -3.49 6.12
CA GLY A 217 9.03 -3.72 6.16
C GLY A 217 9.55 -4.06 4.76
N VAL A 218 8.81 -4.93 4.07
CA VAL A 218 9.13 -5.30 2.68
C VAL A 218 9.01 -4.07 1.77
N LEU A 219 7.96 -3.26 1.99
CA LEU A 219 7.75 -2.03 1.23
C LEU A 219 8.93 -1.05 1.40
N MET A 220 9.42 -0.89 2.66
CA MET A 220 10.57 -0.03 2.97
C MET A 220 11.81 -0.52 2.17
N TRP A 221 12.04 -1.82 2.15
CA TRP A 221 13.13 -2.46 1.42
C TRP A 221 12.97 -2.12 -0.07
N GLU A 222 11.76 -2.29 -0.64
CA GLU A 222 11.56 -1.93 -2.06
C GLU A 222 11.89 -0.46 -2.33
N ALA A 223 11.40 0.46 -1.48
CA ALA A 223 11.59 1.91 -1.66
C ALA A 223 13.08 2.32 -1.62
N PHE A 224 13.83 1.83 -0.62
CA PHE A 224 15.27 2.07 -0.47
C PHE A 224 16.10 1.35 -1.55
N SER A 225 15.50 0.35 -2.24
CA SER A 225 16.09 -0.42 -3.34
C SER A 225 15.62 0.15 -4.67
N TYR A 226 15.01 1.36 -4.65
CA TYR A 226 14.52 2.08 -5.83
C TYR A 226 13.58 1.22 -6.71
N GLY A 227 12.65 0.54 -6.06
CA GLY A 227 11.64 -0.25 -6.74
C GLY A 227 12.06 -1.62 -7.23
N GLN A 228 13.20 -2.14 -6.75
CA GLN A 228 13.61 -3.50 -7.09
C GLN A 228 12.65 -4.50 -6.39
N LYS A 229 12.41 -5.64 -7.01
CA LYS A 229 11.53 -6.67 -6.43
C LYS A 229 12.24 -7.33 -5.24
N PRO A 230 11.52 -7.65 -4.16
CA PRO A 230 12.18 -8.32 -3.02
C PRO A 230 12.43 -9.80 -3.30
N TYR A 231 13.39 -10.43 -2.57
CA TYR A 231 13.74 -11.86 -2.70
C TYR A 231 13.95 -12.28 -4.15
N ARG A 232 14.74 -11.47 -4.87
CA ARG A 232 15.06 -11.64 -6.28
C ARG A 232 15.47 -13.08 -6.59
N GLY A 233 14.86 -13.64 -7.64
CA GLY A 233 15.16 -14.99 -8.12
C GLY A 233 14.71 -16.13 -7.23
N MET A 234 14.01 -15.84 -6.12
CA MET A 234 13.58 -16.89 -5.21
C MET A 234 12.12 -17.30 -5.37
N LYS A 235 11.85 -18.59 -5.22
CA LYS A 235 10.50 -19.15 -5.19
C LYS A 235 9.86 -18.80 -3.83
N GLY A 236 8.54 -18.71 -3.78
CA GLY A 236 7.79 -18.48 -2.54
C GLY A 236 8.17 -19.45 -1.44
N SER A 237 8.35 -20.74 -1.79
CA SER A 237 8.76 -21.79 -0.85
C SER A 237 10.18 -21.55 -0.32
N GLU A 238 11.08 -21.02 -1.20
CA GLU A 238 12.45 -20.66 -0.83
C GLU A 238 12.44 -19.46 0.12
N VAL A 239 11.53 -18.48 -0.09
CA VAL A 239 11.39 -17.31 0.79
C VAL A 239 10.98 -17.80 2.19
N THR A 240 9.97 -18.68 2.24
CA THR A 240 9.51 -19.28 3.49
C THR A 240 10.65 -20.00 4.22
N ALA A 241 11.45 -20.81 3.50
CA ALA A 241 12.58 -21.53 4.09
C ALA A 241 13.63 -20.56 4.63
N MET A 242 13.89 -19.45 3.90
CA MET A 242 14.89 -18.44 4.26
C MET A 242 14.52 -17.77 5.61
N LEU A 243 13.26 -17.34 5.72
CA LEU A 243 12.72 -16.65 6.90
C LEU A 243 12.72 -17.57 8.10
N GLU A 244 12.38 -18.85 7.86
CA GLU A 244 12.34 -19.88 8.89
C GLU A 244 13.74 -20.09 9.51
N LYS A 245 14.82 -19.92 8.70
CA LYS A 245 16.23 -20.01 9.14
C LYS A 245 16.64 -18.72 9.92
N GLY A 246 15.72 -17.73 9.97
CA GLY A 246 16.00 -16.46 10.62
C GLY A 246 16.76 -15.49 9.73
N GLU A 247 16.92 -15.81 8.44
CA GLU A 247 17.61 -14.93 7.48
C GLU A 247 16.66 -13.84 6.97
N ARG A 248 17.20 -12.65 6.70
CA ARG A 248 16.44 -11.51 6.18
C ARG A 248 17.21 -10.86 5.08
N MET A 249 16.50 -10.09 4.22
CA MET A 249 17.14 -9.39 3.11
C MET A 249 18.17 -8.42 3.67
N GLY A 250 19.24 -8.24 2.93
CA GLY A 250 20.30 -7.32 3.29
C GLY A 250 19.91 -5.86 3.18
N CYS A 251 20.79 -5.00 3.66
CA CYS A 251 20.62 -3.58 3.63
C CYS A 251 20.82 -3.05 2.20
N PRO A 252 19.81 -2.32 1.62
CA PRO A 252 20.00 -1.78 0.25
C PRO A 252 21.12 -0.74 0.21
N ALA A 253 21.79 -0.62 -0.94
CA ALA A 253 22.87 0.39 -1.12
C ALA A 253 22.36 1.77 -0.75
N GLY A 254 23.13 2.46 0.09
CA GLY A 254 22.80 3.83 0.51
C GLY A 254 21.71 3.96 1.55
N CYS A 255 21.14 2.82 2.01
CA CYS A 255 20.08 2.88 3.00
C CYS A 255 20.69 3.09 4.38
N PRO A 256 20.26 4.13 5.15
CA PRO A 256 20.86 4.33 6.49
C PRO A 256 20.59 3.17 7.41
N ARG A 257 21.51 2.94 8.35
CA ARG A 257 21.45 1.84 9.32
C ARG A 257 20.13 1.88 10.11
N GLU A 258 19.70 3.10 10.52
CA GLU A 258 18.46 3.29 11.29
C GLU A 258 17.22 2.76 10.54
N MET A 259 17.17 2.95 9.22
CA MET A 259 16.09 2.49 8.35
C MET A 259 16.15 0.98 8.14
N TYR A 260 17.36 0.42 8.03
CA TYR A 260 17.50 -1.02 7.92
C TYR A 260 17.10 -1.72 9.24
N ASP A 261 17.47 -1.09 10.38
CA ASP A 261 17.13 -1.60 11.71
C ASP A 261 15.60 -1.64 11.81
N LEU A 262 14.92 -0.58 11.32
CA LEU A 262 13.46 -0.51 11.34
C LEU A 262 12.84 -1.62 10.46
N MET A 263 13.40 -1.85 9.26
CA MET A 263 12.96 -2.94 8.37
C MET A 263 13.04 -4.26 9.11
N ASN A 264 14.20 -4.55 9.73
CA ASN A 264 14.37 -5.80 10.48
C ASN A 264 13.38 -5.92 11.64
N LEU A 265 13.07 -4.80 12.32
CA LEU A 265 12.10 -4.83 13.44
C LEU A 265 10.69 -5.20 12.88
N CYS A 266 10.33 -4.73 11.67
CA CYS A 266 9.05 -5.04 11.02
C CYS A 266 8.98 -6.52 10.71
N TRP A 267 10.16 -7.13 10.49
CA TRP A 267 10.32 -8.54 10.16
C TRP A 267 10.54 -9.40 11.39
N THR A 268 9.91 -9.02 12.50
CA THR A 268 10.00 -9.78 13.75
C THR A 268 9.12 -10.98 13.52
N TYR A 269 9.70 -12.17 13.58
CA TYR A 269 8.96 -13.40 13.34
C TYR A 269 7.68 -13.54 14.17
N ASP A 270 7.80 -13.33 15.49
CA ASP A 270 6.67 -13.49 16.39
C ASP A 270 5.78 -12.27 16.42
N VAL A 271 4.51 -12.46 16.03
CA VAL A 271 3.47 -11.40 15.91
C VAL A 271 3.38 -10.55 17.15
N GLU A 272 3.39 -11.19 18.33
CA GLU A 272 3.28 -10.51 19.62
C GLU A 272 4.42 -9.53 19.88
N ASN A 273 5.66 -9.89 19.50
CA ASN A 273 6.84 -9.05 19.68
C ASN A 273 7.05 -8.02 18.55
N ARG A 274 6.36 -8.20 17.42
CA ARG A 274 6.47 -7.26 16.29
C ARG A 274 5.87 -5.89 16.65
N PRO A 275 6.48 -4.75 16.33
CA PRO A 275 5.81 -3.47 16.68
C PRO A 275 4.55 -3.24 15.83
N GLY A 276 3.66 -2.39 16.34
CA GLY A 276 2.44 -1.95 15.68
C GLY A 276 2.78 -0.66 14.92
N PHE A 277 1.85 -0.14 14.08
CA PHE A 277 2.15 1.05 13.29
C PHE A 277 2.34 2.32 14.11
N ALA A 278 1.73 2.43 15.32
CA ALA A 278 1.97 3.61 16.16
C ALA A 278 3.49 3.69 16.47
N ALA A 279 4.13 2.56 16.85
CA ALA A 279 5.56 2.51 17.16
C ALA A 279 6.43 2.68 15.90
N VAL A 280 6.00 2.10 14.76
CA VAL A 280 6.76 2.22 13.51
C VAL A 280 6.76 3.68 13.00
N GLU A 281 5.57 4.31 12.99
CA GLU A 281 5.39 5.70 12.53
C GLU A 281 6.23 6.65 13.36
N LEU A 282 6.25 6.46 14.71
CA LEU A 282 7.03 7.31 15.62
C LEU A 282 8.56 7.22 15.34
N ARG A 283 9.10 6.00 15.14
CA ARG A 283 10.51 5.79 14.81
C ARG A 283 10.86 6.51 13.50
N LEU A 284 10.01 6.36 12.47
CA LEU A 284 10.17 7.03 11.17
C LEU A 284 10.07 8.54 11.27
N ARG A 285 9.08 9.06 12.04
CA ARG A 285 8.88 10.51 12.24
C ARG A 285 10.12 11.16 12.85
N ASN A 286 10.66 10.54 13.90
CA ASN A 286 11.83 11.02 14.62
C ASN A 286 13.08 10.98 13.75
N TYR A 287 13.28 9.90 12.98
CA TYR A 287 14.46 9.82 12.12
C TYR A 287 14.34 10.83 10.99
N TYR A 288 13.14 10.96 10.43
CA TYR A 288 12.87 11.90 9.36
C TYR A 288 13.22 13.34 9.80
N TYR A 289 12.72 13.79 10.97
CA TYR A 289 13.02 15.15 11.41
C TYR A 289 14.50 15.31 11.80
N ASP A 290 15.18 14.23 12.22
CA ASP A 290 16.63 14.26 12.49
C ASP A 290 17.37 14.50 11.18
N VAL A 291 16.94 13.83 10.09
CA VAL A 291 17.55 13.97 8.76
C VAL A 291 17.25 15.39 8.18
N VAL A 292 16.03 15.89 8.38
CA VAL A 292 15.58 17.21 7.92
C VAL A 292 16.45 18.32 8.54
N ASN A 293 16.65 18.25 9.86
CA ASN A 293 17.37 19.25 10.60
C ASN A 293 18.89 19.14 10.43
N HIS A 294 19.40 17.94 10.07
CA HIS A 294 20.82 17.74 9.78
C HIS A 294 21.15 18.33 8.39
N HIS A 295 20.17 18.32 7.46
CA HIS A 295 20.33 18.85 6.11
C HIS A 295 19.98 20.34 6.10
C1 QF8 B . -5.81 1.49 -7.94
C2 QF8 B . -4.71 1.21 -8.80
C3 QF8 B . -4.29 2.42 -9.29
N6 QF8 B . 0.50 4.84 -14.31
C7 QF8 B . -3.80 6.52 -9.64
C8 QF8 B . -2.06 6.45 -11.53
C9 QF8 B . -1.37 7.36 -12.34
C10 QF8 B . -0.47 6.92 -13.30
C11 QF8 B . -0.31 5.55 -13.48
C12 QF8 B . -1.01 4.62 -12.71
C13 QF8 B . -1.92 5.07 -11.74
C14 QF8 B . -0.57 3.34 -13.19
C15 QF8 B . 1.41 5.34 -15.33
C16 QF8 B . -1.02 2.00 -12.72
C19 QF8 B . -2.54 -1.63 -9.82
C20 QF8 B . -1.61 -1.93 -8.56
C21 QF8 B . -1.76 0.39 -8.79
O QF8 B . -1.83 1.90 -11.79
N7 QF8 B . -0.54 0.95 -13.39
C17 QF8 B . -0.91 -0.42 -13.06
N5 QF8 B . 0.31 3.48 -14.17
N4 QF8 B . -2.90 7.01 -10.55
N2 QF8 B . -4.37 7.43 -8.83
C6 QF8 B . -5.28 6.94 -7.97
C5 QF8 B . -5.63 5.61 -7.88
N3 QF8 B . -4.03 5.20 -9.65
C4 QF8 B . -4.94 4.76 -8.77
N QF8 B . -5.07 3.35 -8.69
N1 QF8 B . -5.97 2.79 -7.84
C QF8 B . -6.70 0.57 -7.16
N8 QF8 B . -4.29 -0.04 -9.07
C18 QF8 B . -2.94 -0.16 -9.63
N9 QF8 B . -1.47 -0.68 -7.81
#